data_5T2V
#
_entry.id   5T2V
#
_cell.length_a   73.930
_cell.length_b   75.500
_cell.length_c   77.260
_cell.angle_alpha   90.00
_cell.angle_beta   90.00
_cell.angle_gamma   90.00
#
_symmetry.space_group_name_H-M   'I 2 2 2'
#
loop_
_entity.id
_entity.type
_entity.pdbx_description
1 polymer 'Oxidoreductase, short chain dehydrogenase/reductase family protein'
2 non-polymer 'MAGNESIUM ION'
3 water water
#
_entity_poly.entity_id   1
_entity_poly.type   'polypeptide(L)'
_entity_poly.pdbx_seq_one_letter_code
;MGHHHHHHMELEGLTALVTGGTSGIGLESARLMAAEGADVVITGRDAQRGEQAAADIGHGARFVQADLGDLDSVADLAAQ
APDVDILVNNAGIYPQASTFDQDVAGFQQLFDTNVRGTYFLVAAAAKGMVARGHGSIVNITTLAAHKGFPGTSVYGATKA
ALESLTRTWAAEFGANGVRVNSVSPGPTRTPTTLEQLGDFIDDVAAGLPLRRTAAPEEIAQAVLFLASPRASFVTGSTLY
VDGGGYAV
;
_entity_poly.pdbx_strand_id   A
#
# COMPACT_ATOMS: atom_id res chain seq x y z
N GLU A 10 -12.85 -6.75 14.03
CA GLU A 10 -13.67 -7.31 12.98
C GLU A 10 -14.09 -6.20 12.02
N LEU A 11 -14.12 -6.54 10.73
CA LEU A 11 -14.41 -5.60 9.67
C LEU A 11 -15.73 -5.88 8.97
N GLU A 12 -16.61 -6.65 9.60
CA GLU A 12 -17.89 -6.99 9.01
C GLU A 12 -18.66 -5.74 8.62
N GLY A 13 -19.21 -5.74 7.40
CA GLY A 13 -19.95 -4.62 6.90
C GLY A 13 -19.11 -3.50 6.32
N LEU A 14 -17.79 -3.64 6.28
CA LEU A 14 -16.90 -2.64 5.72
C LEU A 14 -16.38 -3.11 4.36
N THR A 15 -16.26 -2.18 3.43
CA THR A 15 -15.70 -2.45 2.11
C THR A 15 -14.27 -1.93 2.06
N ALA A 16 -13.33 -2.80 1.70
CA ALA A 16 -11.92 -2.45 1.65
C ALA A 16 -11.41 -2.59 0.22
N LEU A 17 -10.87 -1.51 -0.31
CA LEU A 17 -10.26 -1.50 -1.63
C LEU A 17 -8.74 -1.49 -1.48
N VAL A 18 -8.07 -2.44 -2.13
CA VAL A 18 -6.61 -2.54 -2.10
C VAL A 18 -6.11 -2.44 -3.53
N THR A 19 -5.46 -1.34 -3.87
CA THR A 19 -4.88 -1.24 -5.21
C THR A 19 -3.60 -2.07 -5.27
N GLY A 20 -3.35 -2.66 -6.43
CA GLY A 20 -2.24 -3.58 -6.57
C GLY A 20 -2.33 -4.75 -5.61
N GLY A 21 -3.52 -5.35 -5.50
CA GLY A 21 -3.74 -6.36 -4.47
C GLY A 21 -3.62 -7.78 -4.96
N THR A 22 -2.98 -8.00 -6.10
CA THR A 22 -2.88 -9.34 -6.69
C THR A 22 -1.58 -10.06 -6.32
N SER A 23 -0.66 -9.41 -5.63
CA SER A 23 0.57 -10.08 -5.19
C SER A 23 1.18 -9.29 -4.04
N GLY A 24 2.15 -9.93 -3.38
CA GLY A 24 2.95 -9.24 -2.38
C GLY A 24 2.15 -8.66 -1.24
N ILE A 25 2.56 -7.47 -0.81
CA ILE A 25 1.98 -6.80 0.36
C ILE A 25 0.49 -6.56 0.15
N GLY A 26 0.09 -6.18 -1.06
CA GLY A 26 -1.32 -5.90 -1.30
C GLY A 26 -2.18 -7.15 -1.21
N LEU A 27 -1.67 -8.27 -1.73
CA LEU A 27 -2.42 -9.52 -1.66
C LEU A 27 -2.62 -9.95 -0.21
N GLU A 28 -1.56 -9.87 0.59
CA GLU A 28 -1.65 -10.33 1.97
C GLU A 28 -2.46 -9.38 2.83
N SER A 29 -2.42 -8.08 2.53
CA SER A 29 -3.31 -7.14 3.22
C SER A 29 -4.77 -7.46 2.92
N ALA A 30 -5.08 -7.72 1.65
CA ALA A 30 -6.44 -8.08 1.28
C ALA A 30 -6.87 -9.40 1.92
N ARG A 31 -5.95 -10.38 1.97
CA ARG A 31 -6.29 -11.66 2.58
C ARG A 31 -6.69 -11.50 4.04
N LEU A 32 -5.92 -10.71 4.79
CA LEU A 32 -6.22 -10.51 6.21
C LEU A 32 -7.55 -9.82 6.41
N MET A 33 -7.86 -8.81 5.58
CA MET A 33 -9.09 -8.06 5.78
C MET A 33 -10.30 -8.89 5.38
N ALA A 34 -10.18 -9.73 4.35
CA ALA A 34 -11.28 -10.62 3.99
C ALA A 34 -11.53 -11.64 5.09
N ALA A 35 -10.46 -12.17 5.70
CA ALA A 35 -10.63 -13.12 6.78
C ALA A 35 -11.21 -12.47 8.03
N GLU A 36 -11.14 -11.15 8.14
CA GLU A 36 -11.77 -10.43 9.24
C GLU A 36 -13.16 -9.93 8.88
N GLY A 37 -13.71 -10.33 7.74
CA GLY A 37 -15.09 -10.06 7.41
C GLY A 37 -15.33 -8.88 6.47
N ALA A 38 -14.28 -8.24 5.96
CA ALA A 38 -14.48 -7.14 5.02
C ALA A 38 -14.88 -7.67 3.65
N ASP A 39 -15.67 -6.87 2.94
CA ASP A 39 -15.91 -7.09 1.51
C ASP A 39 -14.75 -6.45 0.74
N VAL A 40 -13.87 -7.29 0.20
CA VAL A 40 -12.59 -6.82 -0.31
C VAL A 40 -12.67 -6.71 -1.83
N VAL A 41 -12.13 -5.60 -2.35
CA VAL A 41 -11.91 -5.40 -3.78
C VAL A 41 -10.41 -5.17 -3.96
N ILE A 42 -9.81 -5.92 -4.89
CA ILE A 42 -8.41 -5.79 -5.22
C ILE A 42 -8.32 -5.33 -6.67
N THR A 43 -7.25 -4.59 -6.99
CA THR A 43 -6.98 -4.17 -8.36
C THR A 43 -5.61 -4.67 -8.82
N GLY A 44 -5.45 -4.69 -10.14
CA GLY A 44 -4.20 -5.08 -10.75
C GLY A 44 -4.37 -4.96 -12.25
N ARG A 45 -3.24 -5.09 -12.95
CA ARG A 45 -3.22 -4.85 -14.39
C ARG A 45 -3.68 -6.05 -15.22
N ASP A 46 -3.60 -7.26 -14.68
CA ASP A 46 -3.80 -8.47 -15.46
C ASP A 46 -5.04 -9.18 -14.96
N ALA A 47 -6.00 -9.43 -15.86
CA ALA A 47 -7.29 -9.96 -15.46
C ALA A 47 -7.19 -11.40 -14.97
N GLN A 48 -6.35 -12.21 -15.63
CA GLN A 48 -6.24 -13.61 -15.25
C GLN A 48 -5.65 -13.77 -13.85
N ARG A 49 -4.51 -13.13 -13.59
CA ARG A 49 -3.93 -13.17 -12.25
C ARG A 49 -4.85 -12.48 -11.24
N GLY A 50 -5.57 -11.44 -11.67
CA GLY A 50 -6.49 -10.78 -10.77
C GLY A 50 -7.61 -11.69 -10.28
N GLU A 51 -8.20 -12.47 -11.19
CA GLU A 51 -9.25 -13.39 -10.78
C GLU A 51 -8.69 -14.54 -9.93
N GLN A 52 -7.48 -15.01 -10.24
CA GLN A 52 -6.87 -16.04 -9.42
C GLN A 52 -6.53 -15.50 -8.03
N ALA A 53 -6.05 -14.26 -7.96
CA ALA A 53 -5.78 -13.66 -6.66
C ALA A 53 -7.06 -13.51 -5.84
N ALA A 54 -8.15 -13.09 -6.49
CA ALA A 54 -9.43 -12.96 -5.76
C ALA A 54 -9.92 -14.31 -5.25
N ALA A 55 -9.74 -15.37 -6.03
CA ALA A 55 -10.11 -16.70 -5.56
C ALA A 55 -9.18 -17.19 -4.46
N ASP A 56 -7.90 -16.77 -4.50
CA ASP A 56 -6.96 -17.13 -3.45
C ASP A 56 -7.35 -16.47 -2.12
N ILE A 57 -7.78 -15.21 -2.18
CA ILE A 57 -8.21 -14.51 -0.98
C ILE A 57 -9.51 -15.12 -0.45
N GLY A 58 -10.45 -15.44 -1.33
CA GLY A 58 -11.71 -16.03 -0.90
C GLY A 58 -12.62 -15.00 -0.26
N HIS A 59 -13.63 -15.51 0.45
CA HIS A 59 -14.54 -14.69 1.25
C HIS A 59 -15.28 -13.65 0.40
N GLY A 60 -15.50 -13.95 -0.88
CA GLY A 60 -16.21 -13.01 -1.73
C GLY A 60 -15.39 -11.86 -2.22
N ALA A 61 -14.07 -11.89 -2.03
CA ALA A 61 -13.22 -10.86 -2.60
C ALA A 61 -13.39 -10.82 -4.11
N ARG A 62 -13.38 -9.62 -4.68
CA ARG A 62 -13.57 -9.46 -6.12
C ARG A 62 -12.47 -8.59 -6.71
N PHE A 63 -12.21 -8.80 -7.99
CA PHE A 63 -11.14 -8.14 -8.72
C PHE A 63 -11.70 -7.07 -9.65
N VAL A 64 -11.04 -5.92 -9.70
CA VAL A 64 -11.33 -4.88 -10.68
C VAL A 64 -10.03 -4.49 -11.37
N GLN A 65 -9.98 -4.67 -12.68
CA GLN A 65 -8.77 -4.31 -13.42
C GLN A 65 -8.55 -2.81 -13.38
N ALA A 66 -7.32 -2.39 -13.08
CA ALA A 66 -7.04 -0.96 -13.04
C ALA A 66 -5.55 -0.71 -13.23
N ASP A 67 -5.25 0.38 -13.93
CA ASP A 67 -3.89 0.89 -14.14
C ASP A 67 -3.82 2.25 -13.46
N LEU A 68 -3.09 2.34 -12.36
CA LEU A 68 -3.08 3.58 -11.59
C LEU A 68 -2.40 4.72 -12.35
N GLY A 69 -1.59 4.42 -13.36
CA GLY A 69 -0.96 5.42 -14.17
C GLY A 69 -1.84 6.00 -15.26
N ASP A 70 -3.09 5.55 -15.35
CA ASP A 70 -4.04 5.93 -16.39
C ASP A 70 -5.27 6.49 -15.70
N LEU A 71 -5.49 7.81 -15.83
CA LEU A 71 -6.59 8.42 -15.11
C LEU A 71 -7.95 7.96 -15.61
N ASP A 72 -8.07 7.60 -16.88
CA ASP A 72 -9.31 6.99 -17.35
C ASP A 72 -9.59 5.70 -16.60
N SER A 73 -8.55 4.90 -16.37
CA SER A 73 -8.72 3.64 -15.64
C SER A 73 -9.05 3.89 -14.18
N VAL A 74 -8.40 4.88 -13.56
CA VAL A 74 -8.70 5.23 -12.18
C VAL A 74 -10.12 5.72 -12.05
N ALA A 75 -10.60 6.49 -13.04
CA ALA A 75 -11.99 6.93 -13.03
C ALA A 75 -12.95 5.75 -13.05
N ASP A 76 -12.66 4.75 -13.89
CA ASP A 76 -13.50 3.57 -13.96
C ASP A 76 -13.41 2.75 -12.68
N LEU A 77 -12.23 2.70 -12.07
CA LEU A 77 -12.09 2.00 -10.80
C LEU A 77 -12.96 2.64 -9.72
N ALA A 78 -12.89 3.97 -9.60
CA ALA A 78 -13.75 4.66 -8.64
C ALA A 78 -15.22 4.45 -8.96
N ALA A 79 -15.58 4.41 -10.24
CA ALA A 79 -16.97 4.17 -10.61
C ALA A 79 -17.43 2.78 -10.22
N GLN A 80 -16.54 1.79 -10.30
CA GLN A 80 -16.91 0.41 -9.99
C GLN A 80 -16.86 0.09 -8.51
N ALA A 81 -16.10 0.86 -7.72
CA ALA A 81 -16.05 0.69 -6.27
C ALA A 81 -16.23 2.07 -5.62
N PRO A 82 -17.43 2.65 -5.76
CA PRO A 82 -17.60 4.05 -5.34
C PRO A 82 -17.68 4.24 -3.84
N ASP A 83 -18.21 3.26 -3.10
CA ASP A 83 -18.43 3.39 -1.68
C ASP A 83 -17.47 2.47 -0.94
N VAL A 84 -16.45 3.07 -0.32
CA VAL A 84 -15.30 2.36 0.22
C VAL A 84 -15.03 2.89 1.62
N ASP A 85 -14.93 1.99 2.61
CA ASP A 85 -14.65 2.36 4.00
C ASP A 85 -13.17 2.28 4.32
N ILE A 86 -12.45 1.36 3.69
CA ILE A 86 -11.02 1.17 3.88
C ILE A 86 -10.38 1.23 2.50
N LEU A 87 -9.34 2.05 2.36
CA LEU A 87 -8.60 2.16 1.10
C LEU A 87 -7.11 1.98 1.40
N VAL A 88 -6.51 0.96 0.81
CA VAL A 88 -5.08 0.71 0.94
C VAL A 88 -4.44 1.05 -0.40
N ASN A 89 -3.61 2.09 -0.42
CA ASN A 89 -2.96 2.55 -1.64
C ASN A 89 -1.61 1.85 -1.75
N ASN A 90 -1.62 0.69 -2.40
CA ASN A 90 -0.44 -0.17 -2.52
C ASN A 90 0.09 -0.26 -3.94
N ALA A 91 -0.72 0.08 -4.95
CA ALA A 91 -0.27 0.02 -6.32
C ALA A 91 0.89 0.98 -6.55
N GLY A 92 1.87 0.53 -7.31
CA GLY A 92 3.06 1.32 -7.57
C GLY A 92 4.10 0.55 -8.37
N ILE A 93 5.00 1.28 -9.02
CA ILE A 93 6.15 0.68 -9.69
C ILE A 93 7.40 1.15 -8.96
N TYR A 94 8.50 0.44 -9.20
CA TYR A 94 9.70 0.75 -8.45
C TYR A 94 11.00 0.51 -9.24
N PRO A 95 11.11 0.95 -10.49
CA PRO A 95 12.38 0.78 -11.19
C PRO A 95 13.46 1.67 -10.59
N GLN A 96 14.68 1.16 -10.54
CA GLN A 96 15.82 1.86 -9.97
C GLN A 96 16.76 2.35 -11.05
N ALA A 97 17.42 3.48 -10.76
CA ALA A 97 18.48 4.04 -11.59
C ALA A 97 19.16 5.15 -10.80
N SER A 98 20.45 5.34 -11.07
CA SER A 98 21.14 6.50 -10.52
C SER A 98 20.53 7.78 -11.08
N THR A 99 20.67 8.87 -10.33
CA THR A 99 20.18 10.15 -10.82
C THR A 99 20.78 10.50 -12.17
N PHE A 100 22.05 10.16 -12.39
CA PHE A 100 22.69 10.48 -13.66
C PHE A 100 22.16 9.62 -14.80
N ASP A 101 21.64 8.44 -14.51
CA ASP A 101 21.12 7.55 -15.55
C ASP A 101 19.62 7.68 -15.76
N GLN A 102 18.91 8.34 -14.86
CA GLN A 102 17.45 8.33 -14.87
C GLN A 102 16.92 9.03 -16.12
N ASP A 103 15.98 8.37 -16.79
CA ASP A 103 15.42 8.93 -18.02
C ASP A 103 14.14 9.70 -17.71
N VAL A 104 13.76 10.59 -18.64
CA VAL A 104 12.58 11.42 -18.44
C VAL A 104 11.31 10.57 -18.46
N ALA A 105 11.19 9.67 -19.45
CA ALA A 105 10.00 8.83 -19.55
C ALA A 105 9.74 8.07 -18.25
N GLY A 106 10.78 7.44 -17.70
CA GLY A 106 10.61 6.67 -16.49
C GLY A 106 10.24 7.52 -15.28
N PHE A 107 10.84 8.71 -15.18
CA PHE A 107 10.48 9.65 -14.13
C PHE A 107 8.98 9.96 -14.18
N GLN A 108 8.48 10.33 -15.37
CA GLN A 108 7.10 10.74 -15.50
C GLN A 108 6.16 9.58 -15.18
N GLN A 109 6.48 8.38 -15.65
CA GLN A 109 5.67 7.21 -15.34
C GLN A 109 5.64 6.94 -13.84
N LEU A 110 6.79 7.09 -13.17
CA LEU A 110 6.85 6.80 -11.74
C LEU A 110 5.93 7.72 -10.96
N PHE A 111 5.94 9.03 -11.26
CA PHE A 111 5.10 9.94 -10.51
C PHE A 111 3.63 9.82 -10.92
N ASP A 112 3.35 9.63 -12.21
CA ASP A 112 1.96 9.45 -12.65
C ASP A 112 1.32 8.23 -12.00
N THR A 113 2.07 7.12 -11.93
CA THR A 113 1.51 5.90 -11.35
C THR A 113 1.48 5.95 -9.83
N ASN A 114 2.60 6.31 -9.20
CA ASN A 114 2.70 6.19 -7.75
C ASN A 114 2.00 7.32 -7.01
N VAL A 115 1.96 8.53 -7.59
CA VAL A 115 1.41 9.69 -6.90
C VAL A 115 0.09 10.14 -7.53
N ARG A 116 0.10 10.41 -8.83
CA ARG A 116 -1.07 11.03 -9.46
C ARG A 116 -2.30 10.12 -9.38
N GLY A 117 -2.15 8.84 -9.71
CA GLY A 117 -3.29 7.95 -9.66
C GLY A 117 -3.86 7.81 -8.26
N THR A 118 -2.98 7.62 -7.27
CA THR A 118 -3.44 7.49 -5.89
C THR A 118 -4.11 8.77 -5.40
N TYR A 119 -3.54 9.93 -5.78
CA TYR A 119 -4.10 11.20 -5.32
C TYR A 119 -5.56 11.34 -5.71
N PHE A 120 -5.88 11.15 -7.00
CA PHE A 120 -7.25 11.37 -7.42
C PHE A 120 -8.17 10.21 -7.06
N LEU A 121 -7.64 9.00 -6.91
CA LEU A 121 -8.44 7.93 -6.33
C LEU A 121 -8.84 8.27 -4.90
N VAL A 122 -7.91 8.79 -4.10
CA VAL A 122 -8.22 9.22 -2.75
C VAL A 122 -9.24 10.35 -2.78
N ALA A 123 -9.07 11.32 -3.69
CA ALA A 123 -10.00 12.44 -3.76
C ALA A 123 -11.44 11.94 -3.95
N ALA A 124 -11.62 10.90 -4.76
CA ALA A 124 -12.96 10.37 -4.99
C ALA A 124 -13.45 9.53 -3.79
N ALA A 125 -12.63 8.58 -3.34
CA ALA A 125 -13.05 7.68 -2.28
C ALA A 125 -13.28 8.41 -0.96
N ALA A 126 -12.43 9.38 -0.65
CA ALA A 126 -12.53 10.08 0.64
C ALA A 126 -13.78 10.94 0.71
N LYS A 127 -14.27 11.43 -0.43
CA LYS A 127 -15.50 12.21 -0.44
C LYS A 127 -16.65 11.41 0.16
N GLY A 128 -16.76 10.14 -0.21
CA GLY A 128 -17.79 9.29 0.39
C GLY A 128 -17.55 9.00 1.85
N MET A 129 -16.28 8.77 2.22
CA MET A 129 -15.96 8.52 3.63
C MET A 129 -16.34 9.72 4.51
N VAL A 130 -16.02 10.93 4.05
CA VAL A 130 -16.32 12.13 4.82
C VAL A 130 -17.82 12.31 4.96
N ALA A 131 -18.56 12.11 3.86
CA ALA A 131 -20.02 12.21 3.93
C ALA A 131 -20.61 11.22 4.93
N ARG A 132 -20.01 10.02 5.04
CA ARG A 132 -20.51 9.01 5.96
C ARG A 132 -19.96 9.17 7.37
N GLY A 133 -18.89 9.93 7.56
CA GLY A 133 -18.36 10.17 8.88
C GLY A 133 -17.41 9.13 9.41
N HIS A 134 -16.80 8.31 8.55
CA HIS A 134 -15.86 7.29 8.99
C HIS A 134 -15.13 6.73 7.79
N GLY A 135 -13.91 6.26 8.03
CA GLY A 135 -13.08 5.70 6.98
C GLY A 135 -11.63 5.67 7.41
N SER A 136 -10.86 4.80 6.76
CA SER A 136 -9.44 4.67 7.04
C SER A 136 -8.67 4.49 5.74
N ILE A 137 -7.63 5.29 5.54
CA ILE A 137 -6.81 5.24 4.32
C ILE A 137 -5.38 4.94 4.73
N VAL A 138 -4.78 3.93 4.10
CA VAL A 138 -3.42 3.50 4.40
C VAL A 138 -2.58 3.61 3.14
N ASN A 139 -1.57 4.48 3.17
CA ASN A 139 -0.63 4.62 2.07
C ASN A 139 0.60 3.74 2.31
N ILE A 140 0.95 2.94 1.32
CA ILE A 140 2.16 2.12 1.42
C ILE A 140 3.32 2.95 0.88
N THR A 141 4.36 3.14 1.70
CA THR A 141 5.48 3.95 1.27
C THR A 141 6.74 3.07 1.21
N THR A 142 7.84 3.53 1.81
CA THR A 142 9.10 2.76 1.79
C THR A 142 10.15 3.44 2.64
N LEU A 143 11.09 2.65 3.18
CA LEU A 143 12.21 3.22 3.92
C LEU A 143 13.04 4.16 3.06
N ALA A 144 13.02 3.95 1.72
CA ALA A 144 13.76 4.82 0.81
C ALA A 144 13.19 6.23 0.74
N ALA A 145 12.03 6.48 1.35
CA ALA A 145 11.47 7.82 1.44
C ALA A 145 11.90 8.56 2.69
N HIS A 146 12.62 7.88 3.60
CA HIS A 146 13.08 8.46 4.85
C HIS A 146 14.59 8.44 5.01
N LYS A 147 15.29 7.61 4.25
CA LYS A 147 16.74 7.52 4.23
C LYS A 147 17.16 7.50 2.77
N GLY A 148 18.41 7.88 2.53
CA GLY A 148 18.92 7.94 1.17
C GLY A 148 19.56 6.65 0.73
N PHE A 149 19.01 6.02 -0.31
CA PHE A 149 19.57 4.78 -0.86
C PHE A 149 19.91 5.03 -2.32
N PRO A 150 21.20 4.99 -2.72
CA PRO A 150 21.54 5.21 -4.12
C PRO A 150 20.73 4.31 -5.05
N GLY A 151 20.30 4.88 -6.18
CA GLY A 151 19.48 4.17 -7.13
C GLY A 151 17.99 4.32 -6.95
N THR A 152 17.52 4.87 -5.82
CA THR A 152 16.09 4.94 -5.52
C THR A 152 15.57 6.37 -5.49
N SER A 153 16.22 7.31 -6.18
CA SER A 153 15.87 8.72 -6.02
C SER A 153 14.41 8.98 -6.40
N VAL A 154 13.99 8.54 -7.58
CA VAL A 154 12.63 8.83 -8.01
C VAL A 154 11.63 8.01 -7.20
N TYR A 155 11.87 6.70 -7.06
CA TYR A 155 10.95 5.87 -6.29
C TYR A 155 10.77 6.43 -4.89
N GLY A 156 11.87 6.72 -4.19
CA GLY A 156 11.77 7.27 -2.85
C GLY A 156 11.00 8.59 -2.82
N ALA A 157 11.24 9.44 -3.83
CA ALA A 157 10.57 10.73 -3.90
C ALA A 157 9.05 10.57 -4.07
N THR A 158 8.60 9.61 -4.88
CA THR A 158 7.15 9.44 -5.04
C THR A 158 6.51 9.02 -3.73
N LYS A 159 7.20 8.15 -2.97
CA LYS A 159 6.61 7.68 -1.73
C LYS A 159 6.75 8.72 -0.62
N ALA A 160 7.75 9.61 -0.71
CA ALA A 160 7.81 10.74 0.20
C ALA A 160 6.65 11.69 -0.04
N ALA A 161 6.25 11.85 -1.30
CA ALA A 161 5.05 12.64 -1.60
C ALA A 161 3.83 12.04 -0.91
N LEU A 162 3.71 10.70 -0.93
CA LEU A 162 2.61 10.06 -0.22
C LEU A 162 2.68 10.29 1.29
N GLU A 163 3.88 10.27 1.86
CA GLU A 163 4.01 10.53 3.30
C GLU A 163 3.47 11.91 3.67
N SER A 164 3.78 12.93 2.85
CA SER A 164 3.23 14.25 3.12
C SER A 164 1.72 14.28 2.90
N LEU A 165 1.23 13.61 1.86
CA LEU A 165 -0.21 13.55 1.64
C LEU A 165 -0.93 12.87 2.79
N THR A 166 -0.31 11.86 3.43
CA THR A 166 -0.86 11.29 4.65
C THR A 166 -1.16 12.38 5.67
N ARG A 167 -0.22 13.32 5.85
CA ARG A 167 -0.42 14.36 6.86
C ARG A 167 -1.46 15.39 6.43
N THR A 168 -1.42 15.82 5.16
CA THR A 168 -2.39 16.82 4.72
C THR A 168 -3.81 16.24 4.72
N TRP A 169 -3.96 15.01 4.22
CA TRP A 169 -5.27 14.36 4.20
C TRP A 169 -5.78 14.11 5.61
N ALA A 170 -4.89 13.74 6.53
CA ALA A 170 -5.31 13.58 7.92
C ALA A 170 -5.91 14.87 8.45
N ALA A 171 -5.30 16.01 8.10
CA ALA A 171 -5.82 17.29 8.57
C ALA A 171 -7.12 17.66 7.86
N GLU A 172 -7.25 17.31 6.58
CA GLU A 172 -8.43 17.70 5.83
C GLU A 172 -9.63 16.81 6.11
N PHE A 173 -9.41 15.52 6.39
CA PHE A 173 -10.52 14.59 6.54
C PHE A 173 -10.83 14.24 7.99
N GLY A 174 -9.94 14.59 8.92
CA GLY A 174 -10.07 14.10 10.29
C GLY A 174 -11.30 14.61 11.02
N ALA A 175 -11.71 15.85 10.75
CA ALA A 175 -12.88 16.38 11.43
C ALA A 175 -14.14 15.58 11.13
N ASN A 176 -14.14 14.81 10.05
CA ASN A 176 -15.25 13.93 9.71
C ASN A 176 -14.92 12.46 9.96
N GLY A 177 -14.01 12.19 10.90
CA GLY A 177 -13.81 10.84 11.37
C GLY A 177 -13.05 9.94 10.41
N VAL A 178 -12.37 10.49 9.42
CA VAL A 178 -11.61 9.74 8.44
C VAL A 178 -10.14 9.81 8.81
N ARG A 179 -9.52 8.65 9.03
CA ARG A 179 -8.11 8.55 9.40
C ARG A 179 -7.26 8.21 8.18
N VAL A 180 -6.02 8.72 8.19
CA VAL A 180 -5.05 8.51 7.10
C VAL A 180 -3.69 8.27 7.73
N ASN A 181 -3.04 7.16 7.32
CA ASN A 181 -1.72 6.81 7.85
C ASN A 181 -0.88 6.19 6.75
N SER A 182 0.43 6.11 7.00
CA SER A 182 1.36 5.44 6.11
C SER A 182 1.93 4.21 6.79
N VAL A 183 2.18 3.18 5.99
CA VAL A 183 2.97 2.03 6.41
C VAL A 183 4.25 2.08 5.59
N SER A 184 5.40 2.15 6.27
CA SER A 184 6.67 2.28 5.56
C SER A 184 7.44 0.97 5.67
N PRO A 185 7.39 0.11 4.65
CA PRO A 185 8.06 -1.19 4.74
C PRO A 185 9.55 -1.09 4.46
N GLY A 186 10.33 -1.88 5.20
CA GLY A 186 11.72 -2.11 4.89
C GLY A 186 11.84 -3.26 3.92
N PRO A 187 13.01 -3.89 3.88
CA PRO A 187 13.22 -5.02 2.95
C PRO A 187 12.21 -6.14 3.16
N THR A 188 11.54 -6.53 2.08
CA THR A 188 10.46 -7.51 2.12
C THR A 188 10.63 -8.51 0.99
N ARG A 189 10.44 -9.79 1.29
CA ARG A 189 10.61 -10.84 0.30
C ARG A 189 9.68 -11.99 0.63
N THR A 190 9.02 -12.54 -0.38
CA THR A 190 8.20 -13.73 -0.18
C THR A 190 9.09 -14.87 0.26
N PRO A 191 8.84 -15.47 1.42
CA PRO A 191 9.71 -16.56 1.87
C PRO A 191 9.59 -17.78 0.97
N THR A 192 10.72 -18.46 0.76
CA THR A 192 10.77 -19.69 0.01
C THR A 192 10.73 -20.88 0.96
N THR A 193 10.46 -22.06 0.39
CA THR A 193 10.36 -23.26 1.22
C THR A 193 11.68 -23.59 1.90
N LEU A 194 12.80 -23.23 1.29
CA LEU A 194 14.12 -23.59 1.82
C LEU A 194 14.62 -22.65 2.90
N GLU A 195 13.96 -21.53 3.17
CA GLU A 195 14.59 -20.47 3.94
C GLU A 195 14.67 -20.74 5.44
N GLN A 196 13.97 -21.75 5.97
CA GLN A 196 14.24 -22.13 7.34
C GLN A 196 15.49 -23.00 7.45
N LEU A 197 16.03 -23.46 6.33
CA LEU A 197 17.25 -24.26 6.28
C LEU A 197 18.45 -23.39 5.94
N GLY A 198 19.64 -23.97 6.06
CA GLY A 198 20.87 -23.28 5.73
C GLY A 198 21.28 -22.25 6.77
N ASP A 199 22.43 -21.62 6.50
CA ASP A 199 23.04 -20.69 7.44
C ASP A 199 23.38 -19.32 6.86
N PHE A 200 23.34 -19.15 5.54
CA PHE A 200 23.82 -17.91 4.93
C PHE A 200 22.88 -16.75 5.25
N ILE A 201 23.48 -15.60 5.56
CA ILE A 201 22.75 -14.36 5.82
C ILE A 201 23.22 -13.33 4.81
N ASP A 202 22.28 -12.78 4.03
CA ASP A 202 22.63 -11.82 3.00
C ASP A 202 22.96 -10.46 3.60
N ASP A 203 23.63 -9.64 2.78
CA ASP A 203 24.07 -8.33 3.23
C ASP A 203 22.90 -7.42 3.58
N VAL A 204 21.78 -7.55 2.87
CA VAL A 204 20.62 -6.71 3.16
C VAL A 204 20.10 -6.99 4.56
N ALA A 205 19.81 -8.25 4.85
CA ALA A 205 19.32 -8.60 6.17
C ALA A 205 20.34 -8.26 7.25
N ALA A 206 21.62 -8.48 6.98
CA ALA A 206 22.66 -8.32 8.00
C ALA A 206 22.77 -6.89 8.49
N GLY A 207 22.26 -5.92 7.72
CA GLY A 207 22.27 -4.53 8.17
C GLY A 207 21.14 -4.15 9.09
N LEU A 208 20.10 -5.00 9.21
CA LEU A 208 18.95 -4.65 10.03
C LEU A 208 19.08 -5.25 11.43
N PRO A 209 18.61 -4.52 12.46
CA PRO A 209 18.59 -5.10 13.81
C PRO A 209 18.03 -6.51 13.91
N LEU A 210 16.93 -6.80 13.21
CA LEU A 210 16.33 -8.13 13.26
C LEU A 210 17.03 -9.14 12.35
N ARG A 211 17.99 -8.70 11.54
CA ARG A 211 18.87 -9.61 10.79
C ARG A 211 18.10 -10.52 9.83
N ARG A 212 16.98 -10.04 9.31
CA ARG A 212 16.21 -10.82 8.35
C ARG A 212 15.36 -9.86 7.52
N THR A 213 14.84 -10.38 6.41
CA THR A 213 13.86 -9.65 5.63
C THR A 213 12.45 -10.05 6.06
N ALA A 214 11.50 -9.17 5.81
CA ALA A 214 10.11 -9.40 6.18
C ALA A 214 9.40 -10.25 5.13
N ALA A 215 8.54 -11.12 5.59
CA ALA A 215 7.58 -11.66 4.64
C ALA A 215 6.45 -10.66 4.44
N PRO A 216 5.86 -10.61 3.24
CA PRO A 216 4.80 -9.63 2.98
C PRO A 216 3.67 -9.67 4.01
N GLU A 217 3.37 -10.85 4.55
CA GLU A 217 2.31 -10.99 5.54
C GLU A 217 2.61 -10.18 6.80
N GLU A 218 3.89 -9.95 7.10
CA GLU A 218 4.25 -9.14 8.27
C GLU A 218 3.96 -7.66 8.03
N ILE A 219 4.23 -7.17 6.81
CA ILE A 219 3.82 -5.82 6.47
C ILE A 219 2.30 -5.69 6.53
N ALA A 220 1.58 -6.70 6.02
CA ALA A 220 0.13 -6.66 5.97
C ALA A 220 -0.50 -6.56 7.36
N GLN A 221 0.14 -7.13 8.37
CA GLN A 221 -0.40 -7.00 9.73
C GLN A 221 -0.46 -5.54 10.18
N ALA A 222 0.52 -4.73 9.78
CA ALA A 222 0.47 -3.31 10.14
C ALA A 222 -0.62 -2.60 9.37
N VAL A 223 -0.82 -2.98 8.10
CA VAL A 223 -1.90 -2.42 7.30
C VAL A 223 -3.24 -2.74 7.95
N LEU A 224 -3.47 -4.02 8.28
CA LEU A 224 -4.72 -4.41 8.94
C LEU A 224 -4.95 -3.59 10.21
N PHE A 225 -3.91 -3.41 11.03
CA PHE A 225 -4.08 -2.64 12.26
C PHE A 225 -4.58 -1.23 11.96
N LEU A 226 -3.89 -0.50 11.09
CA LEU A 226 -4.27 0.89 10.80
C LEU A 226 -5.61 0.98 10.11
N ALA A 227 -5.94 0.01 9.25
CA ALA A 227 -7.22 0.02 8.56
C ALA A 227 -8.39 -0.20 9.52
N SER A 228 -8.16 -0.90 10.62
CA SER A 228 -9.22 -1.42 11.48
C SER A 228 -9.58 -0.43 12.59
N PRO A 229 -10.77 -0.59 13.19
CA PRO A 229 -11.13 0.27 14.33
C PRO A 229 -10.21 0.17 15.53
N ARG A 230 -9.28 -0.80 15.56
CA ARG A 230 -8.33 -0.86 16.67
C ARG A 230 -7.45 0.39 16.71
N ALA A 231 -7.18 0.99 15.55
CA ALA A 231 -6.36 2.19 15.43
C ALA A 231 -7.20 3.46 15.37
N SER A 232 -8.31 3.48 16.13
CA SER A 232 -9.30 4.56 16.05
C SER A 232 -8.73 5.93 16.41
N PHE A 233 -7.62 6.02 17.14
CA PHE A 233 -7.03 7.31 17.45
C PHE A 233 -5.69 7.53 16.75
N VAL A 234 -5.40 6.77 15.70
CA VAL A 234 -4.14 6.87 14.98
C VAL A 234 -4.41 7.53 13.64
N THR A 235 -3.82 8.72 13.42
CA THR A 235 -3.99 9.35 12.11
C THR A 235 -2.84 10.33 11.88
N GLY A 236 -2.53 10.54 10.60
CA GLY A 236 -1.46 11.43 10.20
C GLY A 236 -0.06 10.89 10.40
N SER A 237 0.10 9.61 10.70
CA SER A 237 1.36 9.07 11.18
C SER A 237 1.94 8.05 10.21
N THR A 238 3.21 7.74 10.43
CA THR A 238 3.93 6.69 9.71
C THR A 238 4.18 5.54 10.67
N LEU A 239 3.78 4.33 10.27
CA LEU A 239 4.13 3.12 11.01
C LEU A 239 5.27 2.45 10.26
N TYR A 240 6.43 2.39 10.88
CA TYR A 240 7.61 1.79 10.25
C TYR A 240 7.61 0.29 10.51
N VAL A 241 7.64 -0.49 9.43
CA VAL A 241 7.68 -1.94 9.51
C VAL A 241 8.91 -2.40 8.75
N ASP A 242 10.08 -2.31 9.40
CA ASP A 242 11.33 -2.40 8.66
C ASP A 242 12.45 -3.12 9.41
N GLY A 243 12.12 -3.93 10.42
CA GLY A 243 13.13 -4.65 11.15
C GLY A 243 14.14 -3.77 11.85
N GLY A 244 13.84 -2.48 12.03
CA GLY A 244 14.75 -1.54 12.65
C GLY A 244 15.51 -0.67 11.68
N GLY A 245 15.22 -0.76 10.38
CA GLY A 245 16.03 -0.04 9.40
C GLY A 245 16.06 1.46 9.63
N TYR A 246 14.91 2.07 9.91
CA TYR A 246 14.89 3.52 10.11
C TYR A 246 15.65 3.93 11.37
N ALA A 247 15.61 3.09 12.41
CA ALA A 247 16.21 3.43 13.70
C ALA A 247 17.73 3.35 13.71
N VAL A 248 18.35 2.74 12.71
CA VAL A 248 19.80 2.64 12.69
C VAL A 248 20.43 3.43 11.53
#